data_5C2F
#
_entry.id   5C2F
#
_cell.length_a   46.589
_cell.length_b   58.418
_cell.length_c   53.384
_cell.angle_alpha   90.000
_cell.angle_beta   96.430
_cell.angle_gamma   90.000
#
_symmetry.space_group_name_H-M   'P 1 21 1'
#
loop_
_entity.id
_entity.type
_entity.pdbx_description
1 polymer 'Gene 2 protein'
2 non-polymer 'MANGANESE (II) ION'
3 non-polymer 2,7-dihydroxy-4-(propan-2-yl)cyclohepta-2,4,6-trien-1-one
4 water water
#
_entity_poly.entity_id   1
_entity_poly.type   'polypeptide(L)'
_entity_poly.pdbx_seq_one_letter_code
;MGSSHHHHHHSSGLVPRGSHMAIIKREWLEAATDAHKKLGWKAKGAVVSAHDPSDTGPDAKGYASRHGSVVKRIAEGLLM
DINEGADWATSLAIEDGADHYLWDGDGVGAGLRRQTTEAFSGKKITATMFKGSESPFDEDAPYQAGAWADEVVQGDNVRT
IGDVFRNKRAQFYYALADRLYLTYRAVVHGEYADPDDMLSFDKEAIGEKMLEKLFAELTQIQRKFNNNGKLELMTAVEMK
QKLGIPSPNLADALMMCMHCPALVREETEIYVPSSSGW
;
_entity_poly.pdbx_strand_id   A
#
# COMPACT_ATOMS: atom_id res chain seq x y z
N MET A 21 -0.16 -5.95 19.09
CA MET A 21 0.66 -5.02 18.34
C MET A 21 0.24 -4.89 16.89
N ALA A 22 -0.61 -5.79 16.41
CA ALA A 22 -1.08 -5.75 15.02
C ALA A 22 -1.91 -4.50 14.78
N ILE A 23 -1.80 -3.90 13.59
CA ILE A 23 -2.50 -2.65 13.33
C ILE A 23 -3.80 -2.79 12.54
N ILE A 24 -3.98 -3.94 11.88
CA ILE A 24 -5.18 -4.18 11.08
C ILE A 24 -5.90 -5.49 11.50
N LYS A 25 -7.20 -5.39 11.76
CA LYS A 25 -8.00 -6.56 12.14
C LYS A 25 -8.50 -7.29 10.90
N ARG A 26 -8.48 -8.61 10.94
CA ARG A 26 -9.01 -9.42 9.86
C ARG A 26 -10.48 -9.09 9.59
N GLU A 27 -11.25 -8.84 10.65
CA GLU A 27 -12.65 -8.46 10.47
C GLU A 27 -12.86 -7.22 9.58
N TRP A 28 -11.97 -6.23 9.68
CA TRP A 28 -12.08 -5.02 8.85
C TRP A 28 -11.88 -5.40 7.38
N LEU A 29 -10.95 -6.30 7.13
CA LEU A 29 -10.62 -6.69 5.76
C LEU A 29 -11.81 -7.43 5.14
N GLU A 30 -12.42 -8.31 5.92
CA GLU A 30 -13.61 -9.02 5.49
C GLU A 30 -14.74 -8.03 5.16
N ALA A 31 -14.95 -7.07 6.03
CA ALA A 31 -16.00 -6.07 5.80
C ALA A 31 -15.71 -5.23 4.55
N ALA A 32 -14.43 -4.90 4.35
CA ALA A 32 -14.01 -4.04 3.25
C ALA A 32 -14.10 -4.76 1.92
N THR A 33 -14.14 -6.08 1.97
CA THR A 33 -14.30 -6.85 0.74
C THR A 33 -15.65 -6.55 0.08
N ASP A 34 -15.60 -5.96 -1.12
CA ASP A 34 -16.81 -5.58 -1.87
C ASP A 34 -17.66 -4.57 -1.10
N ALA A 35 -17.02 -3.73 -0.33
CA ALA A 35 -17.75 -2.74 0.44
C ALA A 35 -18.43 -1.73 -0.48
N HIS A 36 -17.78 -1.39 -1.60
CA HIS A 36 -18.41 -0.47 -2.55
C HIS A 36 -19.72 -1.05 -3.09
N LYS A 37 -19.77 -2.37 -3.28
CA LYS A 37 -21.03 -3.02 -3.66
C LYS A 37 -22.03 -3.07 -2.52
N LYS A 38 -21.56 -3.34 -1.30
CA LYS A 38 -22.46 -3.43 -0.15
C LYS A 38 -23.13 -2.09 0.14
N LEU A 39 -22.39 -1.00 -0.02
CA LEU A 39 -22.88 0.33 0.33
C LEU A 39 -23.33 1.13 -0.89
N GLY A 40 -23.17 0.55 -2.08
CA GLY A 40 -23.66 1.15 -3.30
C GLY A 40 -22.96 2.42 -3.75
N TRP A 41 -21.64 2.40 -3.78
CA TRP A 41 -20.89 3.49 -4.40
C TRP A 41 -19.85 2.98 -5.39
N LYS A 42 -19.37 3.86 -6.24
CA LYS A 42 -18.50 3.47 -7.33
C LYS A 42 -17.09 4.05 -7.19
N ALA A 43 -16.13 3.39 -7.81
CA ALA A 43 -14.76 3.86 -7.80
C ALA A 43 -14.74 5.20 -8.52
N LYS A 44 -14.20 6.22 -7.85
CA LYS A 44 -13.99 7.50 -8.51
C LYS A 44 -12.65 8.08 -8.09
N GLY A 45 -11.89 8.56 -9.05
CA GLY A 45 -10.65 9.23 -8.74
C GLY A 45 -9.54 8.79 -9.65
N ALA A 46 -8.30 9.02 -9.24
CA ALA A 46 -7.13 8.65 -10.03
C ALA A 46 -6.90 7.16 -9.88
N VAL A 47 -6.25 6.57 -10.87
CA VAL A 47 -5.73 5.22 -10.68
C VAL A 47 -4.30 5.29 -10.18
N VAL A 48 -4.03 4.67 -9.04
CA VAL A 48 -2.71 4.69 -8.43
C VAL A 48 -2.19 3.25 -8.33
N SER A 49 -0.96 3.02 -8.80
CA SER A 49 -0.36 1.70 -8.77
C SER A 49 0.96 1.78 -8.03
N ALA A 50 1.35 0.70 -7.36
CA ALA A 50 2.63 0.72 -6.66
C ALA A 50 3.29 -0.64 -6.71
N HIS A 51 4.62 -0.62 -6.70
CA HIS A 51 5.42 -1.82 -6.88
C HIS A 51 6.43 -1.93 -5.74
N ASP A 52 6.49 -3.11 -5.12
CA ASP A 52 7.53 -3.45 -4.15
C ASP A 52 8.52 -4.36 -4.87
N PRO A 53 9.69 -3.81 -5.25
CA PRO A 53 10.70 -4.57 -6.00
C PRO A 53 11.50 -5.44 -5.06
N SER A 54 12.26 -6.37 -5.63
CA SER A 54 13.24 -7.15 -4.87
C SER A 54 14.30 -7.63 -5.85
N ASP A 55 15.49 -7.92 -5.35
CA ASP A 55 16.51 -8.58 -6.17
C ASP A 55 16.12 -10.04 -6.31
N THR A 56 16.91 -10.80 -7.07
CA THR A 56 16.69 -12.24 -7.14
C THR A 56 16.92 -12.83 -5.75
N GLY A 57 15.93 -13.57 -5.26
CA GLY A 57 16.01 -14.16 -3.93
C GLY A 57 14.64 -14.59 -3.42
N PRO A 58 14.54 -14.80 -2.10
CA PRO A 58 13.34 -15.34 -1.44
C PRO A 58 12.17 -14.36 -1.43
N ASP A 59 12.46 -13.08 -1.59
CA ASP A 59 11.42 -12.08 -1.43
C ASP A 59 10.76 -11.79 -2.75
N ALA A 60 9.46 -12.05 -2.82
CA ALA A 60 8.68 -11.85 -4.03
C ALA A 60 8.51 -10.37 -4.37
N LYS A 61 8.12 -10.08 -5.60
CA LYS A 61 7.72 -8.72 -5.97
C LYS A 61 6.26 -8.48 -5.59
N GLY A 62 5.93 -7.26 -5.19
CA GLY A 62 4.53 -6.90 -4.95
C GLY A 62 4.03 -5.84 -5.91
N TYR A 63 2.75 -5.92 -6.26
CA TYR A 63 2.11 -4.89 -7.06
C TYR A 63 0.69 -4.69 -6.54
N ALA A 64 0.26 -3.44 -6.40
CA ALA A 64 -1.14 -3.15 -6.05
C ALA A 64 -1.62 -1.98 -6.88
N SER A 65 -2.92 -1.96 -7.18
CA SER A 65 -3.48 -0.84 -7.91
C SER A 65 -4.87 -0.56 -7.41
N ARG A 66 -5.21 0.71 -7.33
CA ARG A 66 -6.57 1.08 -6.93
C ARG A 66 -7.10 2.13 -7.89
N HIS A 67 -8.41 2.18 -8.01
CA HIS A 67 -9.05 3.27 -8.72
C HIS A 67 -9.80 4.04 -7.65
N GLY A 68 -9.28 5.19 -7.25
CA GLY A 68 -9.86 5.89 -6.11
C GLY A 68 -9.85 4.97 -4.89
N SER A 69 -11.02 4.83 -4.25
CA SER A 69 -11.13 4.01 -3.05
C SER A 69 -11.32 2.53 -3.27
N VAL A 70 -11.26 2.09 -4.52
CA VAL A 70 -11.47 0.66 -4.79
C VAL A 70 -10.20 0.00 -5.31
N VAL A 71 -9.64 -0.92 -4.52
CA VAL A 71 -8.49 -1.72 -4.91
C VAL A 71 -8.92 -2.70 -6.00
N LYS A 72 -8.18 -2.74 -7.12
CA LYS A 72 -8.63 -3.57 -8.23
C LYS A 72 -7.63 -4.64 -8.68
N ARG A 73 -6.38 -4.51 -8.28
CA ARG A 73 -5.38 -5.52 -8.62
C ARG A 73 -4.37 -5.71 -7.50
N ILE A 74 -4.04 -6.96 -7.25
CA ILE A 74 -3.00 -7.32 -6.31
C ILE A 74 -2.28 -8.44 -6.99
N ALA A 75 -0.98 -8.33 -7.16
CA ALA A 75 -0.26 -9.36 -7.88
C ALA A 75 1.09 -9.61 -7.26
N GLU A 76 1.57 -10.82 -7.37
CA GLU A 76 2.85 -11.16 -6.78
C GLU A 76 3.77 -11.71 -7.85
N GLY A 77 5.02 -11.29 -7.82
CA GLY A 77 5.93 -11.63 -8.89
C GLY A 77 7.04 -12.53 -8.44
N LEU A 78 7.14 -13.69 -9.07
CA LEU A 78 8.07 -14.73 -8.64
C LEU A 78 9.13 -14.99 -9.69
N LEU A 79 10.30 -15.46 -9.24
CA LEU A 79 11.36 -15.90 -10.14
C LEU A 79 11.86 -14.80 -11.07
N MET A 80 11.90 -13.56 -10.57
CA MET A 80 12.38 -12.45 -11.39
C MET A 80 13.53 -11.71 -10.72
N ASP A 81 14.45 -11.17 -11.52
CA ASP A 81 15.46 -10.28 -10.97
C ASP A 81 14.86 -8.89 -10.84
N ILE A 82 15.63 -7.93 -10.35
CA ILE A 82 15.02 -6.64 -10.05
C ILE A 82 14.51 -5.91 -11.29
N ASN A 83 15.26 -5.98 -12.39
CA ASN A 83 14.86 -5.29 -13.60
C ASN A 83 13.67 -5.93 -14.29
N GLU A 84 13.62 -7.25 -14.28
CA GLU A 84 12.46 -8.00 -14.78
C GLU A 84 11.24 -7.64 -13.94
N GLY A 85 11.45 -7.55 -12.63
CA GLY A 85 10.39 -7.20 -11.71
C GLY A 85 9.81 -5.83 -12.01
N ALA A 86 10.67 -4.87 -12.33
CA ALA A 86 10.22 -3.50 -12.62
C ALA A 86 9.51 -3.47 -13.97
N ASP A 87 9.98 -4.29 -14.90
CA ASP A 87 9.32 -4.34 -16.20
C ASP A 87 7.91 -4.89 -16.02
N TRP A 88 7.80 -5.92 -15.20
CA TRP A 88 6.52 -6.59 -14.91
C TRP A 88 5.52 -5.62 -14.30
N ALA A 89 5.98 -4.90 -13.29
CA ALA A 89 5.14 -3.97 -12.57
C ALA A 89 4.73 -2.75 -13.39
N THR A 90 5.66 -2.17 -14.15
CA THR A 90 5.31 -1.04 -15.02
C THR A 90 4.33 -1.48 -16.11
N SER A 91 4.48 -2.69 -16.65
CA SER A 91 3.50 -3.19 -17.61
C SER A 91 2.10 -3.34 -17.00
N LEU A 92 2.04 -3.79 -15.75
CA LEU A 92 0.76 -3.91 -15.05
C LEU A 92 0.14 -2.53 -14.87
N ALA A 93 0.97 -1.54 -14.58
CA ALA A 93 0.50 -0.18 -14.33
C ALA A 93 -0.14 0.36 -15.61
N ILE A 94 0.54 0.12 -16.72
CA ILE A 94 0.04 0.49 -18.05
C ILE A 94 -1.29 -0.21 -18.38
N GLU A 95 -1.33 -1.52 -18.16
CA GLU A 95 -2.56 -2.29 -18.34
C GLU A 95 -3.69 -1.74 -17.48
N ASP A 96 -3.39 -1.35 -16.24
CA ASP A 96 -4.39 -0.84 -15.32
C ASP A 96 -4.81 0.62 -15.59
N GLY A 97 -4.16 1.27 -16.55
CA GLY A 97 -4.43 2.66 -16.84
C GLY A 97 -4.03 3.59 -15.70
N ALA A 98 -2.92 3.27 -15.04
CA ALA A 98 -2.46 4.10 -13.92
C ALA A 98 -2.25 5.55 -14.32
N ASP A 99 -2.62 6.47 -13.43
CA ASP A 99 -2.22 7.87 -13.57
C ASP A 99 -0.93 8.11 -12.78
N HIS A 100 -0.76 7.39 -11.68
CA HIS A 100 0.42 7.53 -10.85
C HIS A 100 0.98 6.17 -10.52
N TYR A 101 2.31 6.07 -10.54
CA TYR A 101 3.00 4.83 -10.17
C TYR A 101 4.04 5.15 -9.10
N LEU A 102 4.04 4.37 -8.01
CA LEU A 102 5.10 4.50 -7.02
C LEU A 102 5.89 3.20 -6.92
N TRP A 103 7.13 3.29 -6.44
CA TRP A 103 7.86 2.07 -6.10
C TRP A 103 8.74 2.32 -4.88
N ASP A 104 9.10 1.23 -4.20
CA ASP A 104 9.92 1.31 -2.99
C ASP A 104 11.35 1.59 -3.41
N GLY A 105 11.81 2.80 -3.15
CA GLY A 105 13.18 3.19 -3.48
C GLY A 105 14.17 3.17 -2.34
N ASP A 106 13.75 2.72 -1.15
CA ASP A 106 14.71 2.41 -0.09
C ASP A 106 15.44 1.14 -0.54
N GLY A 107 16.74 1.05 -0.28
CA GLY A 107 17.49 -0.14 -0.65
C GLY A 107 17.55 -0.45 -2.15
N VAL A 108 17.29 -1.70 -2.52
CA VAL A 108 17.56 -2.19 -3.89
C VAL A 108 16.84 -1.44 -5.01
N GLY A 109 15.70 -0.83 -4.70
CA GLY A 109 14.94 -0.11 -5.71
C GLY A 109 15.44 1.29 -6.00
N ALA A 110 16.51 1.71 -5.31
CA ALA A 110 17.00 3.09 -5.41
C ALA A 110 17.38 3.50 -6.84
N GLY A 111 17.79 2.54 -7.66
CA GLY A 111 18.32 2.87 -8.97
C GLY A 111 17.34 2.71 -10.12
N LEU A 112 16.08 2.43 -9.80
CA LEU A 112 15.08 2.07 -10.81
C LEU A 112 14.38 3.21 -11.55
N ARG A 113 14.65 4.48 -11.22
CA ARG A 113 13.93 5.58 -11.87
CA ARG A 113 13.89 5.55 -11.88
C ARG A 113 14.11 5.59 -13.40
N ARG A 114 15.34 5.35 -13.85
CA ARG A 114 15.60 5.41 -15.29
C ARG A 114 14.74 4.39 -16.07
N GLN A 115 14.82 3.12 -15.68
CA GLN A 115 14.01 2.09 -16.32
C GLN A 115 12.52 2.39 -16.22
N THR A 116 12.12 3.03 -15.12
CA THR A 116 10.70 3.26 -14.86
C THR A 116 10.19 4.38 -15.77
N THR A 117 10.95 5.45 -15.89
CA THR A 117 10.54 6.54 -16.79
C THR A 117 10.59 6.10 -18.26
N GLU A 118 11.54 5.23 -18.60
CA GLU A 118 11.59 4.64 -19.93
C GLU A 118 10.33 3.85 -20.22
N ALA A 119 9.86 3.08 -19.25
CA ALA A 119 8.69 2.24 -19.46
C ALA A 119 7.46 3.10 -19.75
N PHE A 120 7.41 4.27 -19.13
CA PHE A 120 6.25 5.15 -19.27
C PHE A 120 6.42 6.21 -20.35
N SER A 121 7.47 6.12 -21.15
CA SER A 121 7.70 7.09 -22.23
C SER A 121 6.49 7.23 -23.12
N GLY A 122 6.02 8.47 -23.29
CA GLY A 122 4.88 8.74 -24.14
C GLY A 122 3.55 8.56 -23.45
N LYS A 123 3.55 8.05 -22.22
CA LYS A 123 2.32 7.84 -21.46
C LYS A 123 2.14 8.91 -20.40
N LYS A 124 0.90 9.24 -20.09
CA LYS A 124 0.62 10.20 -19.03
C LYS A 124 0.62 9.49 -17.67
N ILE A 125 1.77 8.95 -17.28
CA ILE A 125 1.90 8.32 -15.97
C ILE A 125 3.07 8.94 -15.21
N THR A 126 2.80 9.45 -14.01
CA THR A 126 3.87 10.00 -13.20
C THR A 126 4.54 8.87 -12.43
N ALA A 127 5.83 8.99 -12.17
CA ALA A 127 6.53 7.98 -11.38
C ALA A 127 7.14 8.63 -10.15
N THR A 128 6.85 8.08 -8.98
CA THR A 128 7.33 8.66 -7.73
C THR A 128 8.03 7.59 -6.93
N MET A 129 9.23 7.90 -6.46
CA MET A 129 9.93 6.96 -5.59
C MET A 129 9.43 7.14 -4.18
N PHE A 130 9.05 6.03 -3.56
CA PHE A 130 8.56 6.05 -2.19
C PHE A 130 9.71 5.62 -1.27
N LYS A 131 10.07 6.47 -0.32
CA LYS A 131 11.07 6.07 0.66
C LYS A 131 10.46 6.00 2.07
N GLY A 132 10.16 4.78 2.50
CA GLY A 132 9.43 4.56 3.74
C GLY A 132 10.15 5.03 4.97
N SER A 133 11.47 5.16 4.89
CA SER A 133 12.26 5.58 6.04
C SER A 133 12.28 7.09 6.23
N GLU A 134 11.79 7.86 5.27
CA GLU A 134 11.84 9.33 5.38
C GLU A 134 10.84 9.82 6.40
N SER A 135 11.04 11.05 6.88
CA SER A 135 10.06 11.72 7.72
C SER A 135 8.72 11.79 7.02
N PRO A 136 7.64 11.81 7.80
CA PRO A 136 6.29 11.73 7.21
C PRO A 136 6.01 12.88 6.26
N PHE A 137 5.16 12.61 5.29
CA PHE A 137 4.61 13.61 4.39
C PHE A 137 3.91 14.69 5.21
N ASP A 138 4.26 15.94 4.94
CA ASP A 138 3.62 17.10 5.57
C ASP A 138 3.74 17.04 7.09
N GLU A 139 4.95 16.75 7.56
CA GLU A 139 5.18 16.44 8.97
C GLU A 139 4.84 17.55 9.94
N ASP A 140 4.76 18.79 9.45
CA ASP A 140 4.49 19.91 10.33
C ASP A 140 3.01 20.25 10.46
N ALA A 141 2.18 19.63 9.65
CA ALA A 141 0.74 19.85 9.72
C ALA A 141 0.15 19.28 11.00
N PRO A 142 -0.90 19.93 11.53
CA PRO A 142 -1.59 19.39 12.70
C PRO A 142 -2.12 17.98 12.44
N TYR A 143 -2.03 17.09 13.41
CA TYR A 143 -2.53 15.74 13.21
C TYR A 143 -4.04 15.73 13.45
N GLN A 144 -4.79 15.26 12.46
CA GLN A 144 -6.25 15.29 12.52
C GLN A 144 -6.85 13.88 12.55
N ALA A 145 -8.03 13.76 13.15
CA ALA A 145 -8.76 12.49 13.22
C ALA A 145 -7.93 11.37 13.84
N VAL A 158 -1.32 21.66 17.88
CA VAL A 158 -0.33 21.38 18.91
C VAL A 158 0.44 20.10 18.60
N ARG A 159 -0.26 19.02 18.30
CA ARG A 159 0.38 17.76 17.94
C ARG A 159 0.39 17.57 16.42
N THR A 160 1.58 17.45 15.85
CA THR A 160 1.71 17.40 14.41
C THR A 160 1.84 15.99 13.88
N ILE A 161 1.77 15.86 12.55
CA ILE A 161 1.89 14.58 11.89
C ILE A 161 3.24 13.95 12.22
N GLY A 162 4.27 14.79 12.29
CA GLY A 162 5.61 14.40 12.66
C GLY A 162 5.81 13.96 14.11
N ASP A 163 4.97 14.44 15.02
CA ASP A 163 5.01 13.97 16.41
C ASP A 163 4.40 12.58 16.52
N VAL A 164 3.54 12.24 15.57
CA VAL A 164 2.73 11.03 15.67
C VAL A 164 3.38 9.86 14.96
N PHE A 165 3.86 10.07 13.74
CA PHE A 165 4.43 8.99 12.97
C PHE A 165 5.93 9.14 12.84
N ARG A 166 6.68 8.06 13.05
CA ARG A 166 8.13 8.16 12.89
C ARG A 166 8.51 8.44 11.44
N ASN A 167 7.88 7.74 10.51
CA ASN A 167 8.29 7.83 9.12
C ASN A 167 7.12 7.59 8.17
N LYS A 168 7.38 7.69 6.87
CA LYS A 168 6.34 7.47 5.85
C LYS A 168 5.74 6.06 5.87
N ARG A 169 6.55 5.06 6.17
CA ARG A 169 6.04 3.69 6.24
C ARG A 169 4.92 3.62 7.27
N ALA A 170 5.14 4.21 8.44
CA ALA A 170 4.14 4.19 9.50
C ALA A 170 2.91 5.01 9.13
N GLN A 171 3.18 6.18 8.58
CA GLN A 171 2.15 7.13 8.17
C GLN A 171 1.17 6.51 7.17
N PHE A 172 1.70 5.80 6.18
CA PHE A 172 0.83 5.32 5.14
C PHE A 172 0.18 3.98 5.46
N TYR A 173 0.83 3.19 6.31
CA TYR A 173 0.16 2.02 6.84
C TYR A 173 -0.99 2.42 7.74
N TYR A 174 -0.84 3.50 8.50
CA TYR A 174 -1.95 3.93 9.33
C TYR A 174 -3.08 4.57 8.51
N ALA A 175 -2.72 5.23 7.40
CA ALA A 175 -3.71 5.74 6.46
C ALA A 175 -4.54 4.58 5.95
N LEU A 176 -3.87 3.48 5.63
CA LEU A 176 -4.55 2.28 5.17
C LEU A 176 -5.46 1.75 6.27
N ALA A 177 -4.93 1.65 7.50
CA ALA A 177 -5.69 1.09 8.60
C ALA A 177 -6.91 1.96 8.91
N ASP A 178 -6.75 3.27 8.82
CA ASP A 178 -7.84 4.22 9.07
C ASP A 178 -8.94 4.05 8.03
N ARG A 179 -8.56 3.93 6.76
CA ARG A 179 -9.57 3.67 5.72
C ARG A 179 -10.34 2.38 5.99
N LEU A 180 -9.61 1.33 6.34
CA LEU A 180 -10.23 0.03 6.59
C LEU A 180 -11.17 0.06 7.80
N TYR A 181 -10.72 0.71 8.87
CA TYR A 181 -11.57 0.81 10.04
C TYR A 181 -12.85 1.59 9.76
N LEU A 182 -12.74 2.72 9.08
CA LEU A 182 -13.93 3.50 8.72
C LEU A 182 -14.89 2.69 7.83
N THR A 183 -14.32 1.89 6.94
CA THR A 183 -15.12 1.06 6.07
C THR A 183 -15.85 0.01 6.90
N TYR A 184 -15.14 -0.58 7.84
CA TYR A 184 -15.73 -1.58 8.72
C TYR A 184 -16.90 -0.97 9.51
N ARG A 185 -16.68 0.21 10.09
CA ARG A 185 -17.75 0.86 10.83
C ARG A 185 -18.96 1.17 9.95
N ALA A 186 -18.72 1.56 8.69
CA ALA A 186 -19.80 1.79 7.74
C ALA A 186 -20.55 0.52 7.33
N VAL A 187 -19.80 -0.54 7.06
CA VAL A 187 -20.41 -1.78 6.56
C VAL A 187 -21.10 -2.57 7.67
N VAL A 188 -20.44 -2.67 8.83
CA VAL A 188 -20.93 -3.53 9.90
C VAL A 188 -21.75 -2.76 10.93
N HIS A 189 -21.38 -1.52 11.18
CA HIS A 189 -22.09 -0.73 12.19
C HIS A 189 -22.98 0.36 11.62
N GLY A 190 -23.12 0.41 10.30
CA GLY A 190 -23.99 1.38 9.64
C GLY A 190 -23.66 2.84 9.93
N GLU A 191 -22.38 3.12 10.19
CA GLU A 191 -21.94 4.47 10.47
C GLU A 191 -21.46 5.15 9.21
N TYR A 192 -22.11 6.25 8.85
CA TYR A 192 -21.79 6.91 7.58
C TYR A 192 -20.32 7.31 7.45
N ALA A 193 -19.76 7.05 6.28
CA ALA A 193 -18.44 7.54 5.94
C ALA A 193 -18.46 7.97 4.49
N ASP A 194 -17.69 9.01 4.18
CA ASP A 194 -17.44 9.39 2.80
C ASP A 194 -16.64 8.27 2.13
N PRO A 195 -17.10 7.78 0.97
CA PRO A 195 -16.37 6.78 0.21
C PRO A 195 -14.92 7.21 -0.08
N ASP A 196 -14.65 8.51 -0.19
CA ASP A 196 -13.29 9.03 -0.35
C ASP A 196 -12.38 8.64 0.82
N ASP A 197 -12.95 8.38 1.98
CA ASP A 197 -12.14 8.04 3.15
C ASP A 197 -12.15 6.55 3.44
N MET A 198 -12.77 5.77 2.57
CA MET A 198 -12.94 4.34 2.78
C MET A 198 -11.99 3.57 1.87
N LEU A 199 -12.02 2.25 1.99
CA LEU A 199 -11.33 1.38 1.04
C LEU A 199 -12.07 0.08 0.84
N SER A 200 -12.36 -0.25 -0.43
CA SER A 200 -13.00 -1.50 -0.76
C SER A 200 -12.08 -2.37 -1.59
N PHE A 201 -12.12 -3.67 -1.34
CA PHE A 201 -11.44 -4.64 -2.20
C PHE A 201 -12.41 -5.22 -3.21
N ASP A 202 -12.14 -5.00 -4.49
CA ASP A 202 -12.99 -5.56 -5.53
C ASP A 202 -12.65 -7.03 -5.68
N LYS A 203 -13.42 -7.91 -5.04
CA LYS A 203 -13.05 -9.32 -4.98
C LYS A 203 -13.02 -9.98 -6.36
N GLU A 204 -14.00 -9.65 -7.19
CA GLU A 204 -14.05 -10.20 -8.55
C GLU A 204 -12.83 -9.81 -9.37
N ALA A 205 -12.45 -8.54 -9.32
CA ALA A 205 -11.29 -8.07 -10.07
C ALA A 205 -9.98 -8.63 -9.51
N ILE A 206 -9.87 -8.68 -8.19
CA ILE A 206 -8.60 -9.07 -7.56
C ILE A 206 -8.40 -10.58 -7.58
N GLY A 207 -9.46 -11.31 -7.33
CA GLY A 207 -9.41 -12.75 -7.26
C GLY A 207 -9.28 -13.20 -5.82
N GLU A 208 -9.99 -14.27 -5.47
CA GLU A 208 -10.01 -14.78 -4.10
C GLU A 208 -8.64 -15.23 -3.59
N LYS A 209 -7.87 -15.87 -4.46
CA LYS A 209 -6.55 -16.37 -4.08
C LYS A 209 -5.59 -15.25 -3.67
N MET A 210 -5.51 -14.20 -4.48
CA MET A 210 -4.63 -13.09 -4.18
C MET A 210 -5.14 -12.27 -2.99
N LEU A 211 -6.46 -12.20 -2.85
CA LEU A 211 -7.02 -11.46 -1.72
C LEU A 211 -6.63 -12.15 -0.41
N GLU A 212 -6.66 -13.48 -0.40
CA GLU A 212 -6.29 -14.23 0.81
C GLU A 212 -4.82 -14.04 1.15
N LYS A 213 -3.96 -14.06 0.14
CA LYS A 213 -2.54 -13.76 0.34
C LYS A 213 -2.33 -12.39 0.95
N LEU A 214 -3.01 -11.39 0.39
CA LEU A 214 -2.91 -10.02 0.90
C LEU A 214 -3.33 -9.91 2.36
N PHE A 215 -4.46 -10.52 2.70
CA PHE A 215 -5.01 -10.45 4.03
C PHE A 215 -4.08 -11.09 5.06
N ALA A 216 -3.52 -12.24 4.72
CA ALA A 216 -2.57 -12.90 5.60
C ALA A 216 -1.33 -12.04 5.87
N GLU A 217 -1.01 -11.15 4.93
CA GLU A 217 0.12 -10.25 5.13
C GLU A 217 -0.30 -9.03 5.95
N LEU A 218 -1.45 -8.46 5.63
CA LEU A 218 -1.87 -7.23 6.30
C LEU A 218 -2.09 -7.43 7.79
N THR A 219 -2.53 -8.61 8.16
CA THR A 219 -2.82 -8.90 9.57
C THR A 219 -1.58 -9.19 10.39
N GLN A 220 -0.43 -9.20 9.72
CA GLN A 220 0.85 -9.42 10.38
C GLN A 220 1.65 -8.13 10.56
N ILE A 221 1.22 -7.05 9.93
CA ILE A 221 1.89 -5.75 10.08
C ILE A 221 1.72 -5.27 11.51
N GLN A 222 2.82 -4.96 12.18
CA GLN A 222 2.81 -4.75 13.62
C GLN A 222 3.62 -3.54 14.08
N ARG A 223 3.13 -2.92 15.15
CA ARG A 223 3.82 -1.84 15.81
C ARG A 223 5.10 -2.37 16.46
N LYS A 224 6.13 -1.53 16.48
CA LYS A 224 7.27 -1.83 17.32
C LYS A 224 7.50 -0.69 18.32
N PHE A 225 8.15 -1.01 19.44
CA PHE A 225 8.45 -0.04 20.48
C PHE A 225 9.31 1.09 19.93
N ASN A 226 8.98 2.33 20.30
CA ASN A 226 9.70 3.52 19.85
C ASN A 226 10.09 4.44 21.02
N ASN A 227 11.37 4.78 21.15
CA ASN A 227 11.83 5.53 22.32
C ASN A 227 11.53 7.04 22.33
N ASN A 228 10.91 7.53 21.26
CA ASN A 228 10.40 8.89 21.23
C ASN A 228 8.86 8.93 21.23
N GLY A 229 8.24 7.79 21.49
CA GLY A 229 6.79 7.72 21.61
C GLY A 229 6.02 7.97 20.33
N LYS A 230 6.65 7.69 19.20
CA LYS A 230 6.01 7.83 17.90
C LYS A 230 5.55 6.46 17.43
N LEU A 231 4.59 6.45 16.52
CA LEU A 231 4.15 5.22 15.90
C LEU A 231 5.21 4.76 14.91
N GLU A 232 5.63 3.50 15.05
CA GLU A 232 6.62 2.91 14.16
C GLU A 232 6.25 1.45 13.96
N LEU A 233 6.48 0.94 12.77
CA LEU A 233 6.14 -0.44 12.45
C LEU A 233 7.39 -1.30 12.26
N MET A 234 7.26 -2.59 12.53
CA MET A 234 8.35 -3.54 12.30
C MET A 234 8.74 -3.52 10.84
N THR A 235 10.04 -3.65 10.58
CA THR A 235 10.52 -3.68 9.21
C THR A 235 10.39 -5.11 8.69
N ALA A 236 10.48 -5.27 7.38
CA ALA A 236 10.44 -6.59 6.77
C ALA A 236 11.49 -7.52 7.37
N VAL A 237 12.68 -6.98 7.62
CA VAL A 237 13.76 -7.75 8.24
C VAL A 237 13.40 -8.26 9.63
N GLU A 238 12.89 -7.37 10.47
CA GLU A 238 12.53 -7.73 11.84
C GLU A 238 11.41 -8.75 11.85
N MET A 239 10.47 -8.62 10.93
CA MET A 239 9.37 -9.56 10.86
C MET A 239 9.87 -10.98 10.58
N LYS A 240 10.78 -11.11 9.63
CA LYS A 240 11.26 -12.46 9.31
C LYS A 240 12.32 -12.98 10.29
N GLN A 241 13.10 -12.09 10.88
CA GLN A 241 14.14 -12.53 11.80
C GLN A 241 13.62 -12.72 13.22
N LYS A 242 12.82 -11.78 13.71
CA LYS A 242 12.33 -11.89 15.08
C LYS A 242 11.20 -12.92 15.21
N LEU A 243 10.30 -12.96 14.24
CA LEU A 243 9.15 -13.85 14.36
C LEU A 243 8.88 -14.72 13.13
N GLY A 244 9.88 -14.84 12.26
CA GLY A 244 9.88 -15.83 11.21
C GLY A 244 8.70 -15.88 10.25
N ILE A 245 8.23 -14.72 9.81
CA ILE A 245 7.22 -14.71 8.76
C ILE A 245 7.72 -14.01 7.51
N PRO A 246 7.28 -14.45 6.33
CA PRO A 246 7.76 -13.91 5.05
C PRO A 246 7.48 -12.41 4.88
N SER A 247 8.30 -11.77 4.06
CA SER A 247 8.17 -10.35 3.81
C SER A 247 6.79 -10.02 3.24
N PRO A 248 6.15 -8.95 3.75
CA PRO A 248 4.80 -8.55 3.34
C PRO A 248 4.79 -7.70 2.06
N ASN A 249 5.21 -8.28 0.94
CA ASN A 249 5.37 -7.53 -0.30
C ASN A 249 4.06 -7.02 -0.87
N LEU A 250 3.01 -7.80 -0.71
CA LEU A 250 1.71 -7.36 -1.22
C LEU A 250 1.16 -6.23 -0.36
N ALA A 251 1.34 -6.35 0.95
CA ALA A 251 0.91 -5.30 1.89
C ALA A 251 1.71 -4.03 1.67
N ASP A 252 3.03 -4.15 1.48
CA ASP A 252 3.85 -2.98 1.22
C ASP A 252 3.39 -2.26 -0.05
N ALA A 253 3.10 -3.01 -1.12
CA ALA A 253 2.60 -2.41 -2.36
C ALA A 253 1.28 -1.65 -2.17
N LEU A 254 0.34 -2.29 -1.46
CA LEU A 254 -0.93 -1.64 -1.17
C LEU A 254 -0.69 -0.38 -0.35
N MET A 255 0.17 -0.49 0.66
CA MET A 255 0.44 0.68 1.52
C MET A 255 0.98 1.86 0.70
N MET A 256 1.89 1.56 -0.22
CA MET A 256 2.47 2.65 -1.00
C MET A 256 1.42 3.33 -1.88
N CYS A 257 0.40 2.60 -2.34
CA CYS A 257 -0.57 3.27 -3.19
CA CYS A 257 -0.70 3.15 -3.15
C CYS A 257 -1.55 4.13 -2.39
N MET A 258 -1.45 4.13 -1.06
CA MET A 258 -2.20 5.09 -0.24
C MET A 258 -1.75 6.52 -0.48
N HIS A 259 -0.53 6.69 -0.99
CA HIS A 259 -0.03 8.03 -1.28
C HIS A 259 -0.30 8.42 -2.73
N CYS A 260 -1.16 9.42 -2.95
CA CYS A 260 -1.39 9.90 -4.31
C CYS A 260 -0.66 11.21 -4.58
N PRO A 261 0.49 11.13 -5.27
CA PRO A 261 1.51 12.18 -5.48
C PRO A 261 1.02 13.59 -5.81
N ALA A 262 0.07 13.72 -6.74
CA ALA A 262 -0.43 15.04 -7.11
C ALA A 262 -1.76 14.93 -7.85
#